data_3BBL
#
_entry.id   3BBL
#
_cell.length_a   122.550
_cell.length_b   122.550
_cell.length_c   123.301
_cell.angle_alpha   90.00
_cell.angle_beta   90.00
_cell.angle_gamma   120.00
#
_symmetry.space_group_name_H-M   'P 63 2 2'
#
loop_
_entity.id
_entity.type
_entity.pdbx_description
1 polymer 'Regulatory protein of LacI family'
2 non-polymer 1,2-ETHANEDIOL
3 water water
#
_entity_poly.entity_id   1
_entity_poly.type   'polypeptide(L)'
_entity_poly.pdbx_seq_one_letter_code
;(MSE)SLSF(MSE)IGYSWTQTEPGQVNHILDQFLSS(MSE)VREAGAVNYFVLPFPFSEDRSQIDIYRDLIRSGNVDGF
VLSSINYNDPRVQFLLKQKFPFVAFGRSNPDWDFAWVDIDGTAGTRQAVEYLIGRGHRRIAILAWPEDSRVGNDRLQGYL
EA(MSE)QTAQLPIETGYILRGEGTFEVGRA(MSE)TLHLLDLSPERRPTAI(MSE)TLNDT(MSE)AIGA(MSE)AAAR
ERGLTIGTDLAIIGFDDAP(MSE)VQYLFPPLSSVRQPIAEAGRKCIELLVAIVEGREPEQKHILLQPSLIIRASEGHHH
HHH
;
_entity_poly.pdbx_strand_id   A
#
loop_
_chem_comp.id
_chem_comp.type
_chem_comp.name
_chem_comp.formula
EDO non-polymer 1,2-ETHANEDIOL 'C2 H6 O2'
#
# COMPACT_ATOMS: atom_id res chain seq x y z
N LEU A 3 -12.44 0.29 31.37
CA LEU A 3 -12.45 0.25 29.87
C LEU A 3 -13.69 0.89 29.24
N SER A 4 -13.48 1.62 28.15
CA SER A 4 -14.57 2.27 27.44
C SER A 4 -15.04 1.35 26.31
N PHE A 5 -14.25 0.33 26.02
CA PHE A 5 -14.57 -0.62 24.96
C PHE A 5 -14.70 0.06 23.60
N MSE A 6 -13.88 1.09 23.39
CA MSE A 6 -13.89 1.80 22.13
C MSE A 6 -12.49 2.08 21.61
O MSE A 6 -11.59 2.49 22.36
CB MSE A 6 -14.69 3.09 22.28
CG MSE A 6 -16.15 2.77 22.37
SE MSE A 6 -17.23 4.35 22.39
CE MSE A 6 -17.18 4.70 20.52
N ILE A 7 -12.29 1.82 20.32
CA ILE A 7 -10.99 2.02 19.68
C ILE A 7 -11.12 3.17 18.68
N GLY A 8 -10.30 4.19 18.87
CA GLY A 8 -10.34 5.33 17.98
C GLY A 8 -9.61 5.10 16.68
N TYR A 9 -10.21 5.55 15.59
CA TYR A 9 -9.60 5.40 14.27
C TYR A 9 -9.89 6.62 13.41
N SER A 10 -8.98 6.91 12.49
CA SER A 10 -9.13 8.03 11.58
C SER A 10 -8.39 7.69 10.29
N TRP A 11 -8.85 8.24 9.18
CA TRP A 11 -8.19 7.98 7.91
C TRP A 11 -8.00 9.25 7.11
N THR A 12 -6.93 9.28 6.33
CA THR A 12 -6.62 10.44 5.51
C THR A 12 -7.68 10.60 4.42
N GLN A 13 -7.90 11.83 4.01
CA GLN A 13 -8.89 12.14 2.99
C GLN A 13 -8.51 11.52 1.65
N THR A 14 -9.41 10.72 1.09
CA THR A 14 -9.16 10.08 -0.19
C THR A 14 -9.16 11.12 -1.31
N GLU A 15 -8.06 11.18 -2.06
CA GLU A 15 -7.97 12.13 -3.15
C GLU A 15 -9.05 11.87 -4.17
N PRO A 16 -9.63 12.94 -4.74
CA PRO A 16 -10.67 12.69 -5.73
C PRO A 16 -9.94 12.27 -7.01
N GLY A 17 -10.08 11.00 -7.40
CA GLY A 17 -9.41 10.52 -8.59
C GLY A 17 -8.66 9.23 -8.35
N GLN A 18 -8.73 8.70 -7.12
CA GLN A 18 -8.05 7.46 -6.79
C GLN A 18 -9.00 6.28 -6.95
N VAL A 19 -8.57 5.30 -7.74
CA VAL A 19 -9.34 4.10 -8.06
C VAL A 19 -9.56 3.14 -6.88
N ASN A 20 -8.64 3.12 -5.91
CA ASN A 20 -8.79 2.22 -4.79
C ASN A 20 -9.23 2.90 -3.48
N HIS A 21 -10.13 2.21 -2.76
CA HIS A 21 -10.66 2.69 -1.49
C HIS A 21 -10.73 1.50 -0.54
N ILE A 22 -9.64 1.27 0.18
CA ILE A 22 -9.59 0.16 1.12
C ILE A 22 -10.18 0.54 2.48
N LEU A 23 -10.83 1.70 2.55
CA LEU A 23 -11.45 2.12 3.80
C LEU A 23 -12.51 1.08 4.14
N ASP A 24 -13.28 0.72 3.11
CA ASP A 24 -14.36 -0.25 3.26
C ASP A 24 -13.87 -1.61 3.76
N GLN A 25 -12.79 -2.12 3.18
CA GLN A 25 -12.26 -3.42 3.59
C GLN A 25 -11.70 -3.37 5.01
N PHE A 26 -10.88 -2.36 5.26
CA PHE A 26 -10.23 -2.17 6.55
C PHE A 26 -11.19 -1.87 7.71
N LEU A 27 -12.00 -0.83 7.56
CA LEU A 27 -12.92 -0.43 8.61
C LEU A 27 -14.03 -1.46 8.84
N SER A 28 -14.60 -1.99 7.76
CA SER A 28 -15.66 -2.99 7.91
C SER A 28 -15.12 -4.16 8.73
N SER A 29 -13.93 -4.60 8.35
CA SER A 29 -13.28 -5.70 9.04
C SER A 29 -13.03 -5.39 10.51
N MSE A 30 -12.56 -4.18 10.81
CA MSE A 30 -12.31 -3.83 12.21
C MSE A 30 -13.61 -3.76 13.00
O MSE A 30 -13.70 -4.29 14.11
CB MSE A 30 -11.57 -2.49 12.31
CG MSE A 30 -10.14 -2.59 11.85
SE MSE A 30 -8.94 -1.17 12.54
CE MSE A 30 -9.86 0.33 11.73
N VAL A 31 -14.63 -3.14 12.41
CA VAL A 31 -15.92 -3.03 13.08
C VAL A 31 -16.51 -4.38 13.45
N ARG A 32 -16.41 -5.35 12.54
CA ARG A 32 -16.95 -6.68 12.80
C ARG A 32 -16.13 -7.46 13.81
N GLU A 33 -14.81 -7.28 13.76
CA GLU A 33 -13.91 -7.94 14.67
C GLU A 33 -14.05 -7.38 16.08
N ALA A 34 -14.09 -6.06 16.18
CA ALA A 34 -14.24 -5.41 17.47
C ALA A 34 -15.56 -5.86 18.08
N GLY A 35 -16.62 -5.76 17.29
CA GLY A 35 -17.93 -6.17 17.75
C GLY A 35 -17.97 -7.57 18.35
N ALA A 36 -17.25 -8.50 17.72
CA ALA A 36 -17.22 -9.88 18.20
C ALA A 36 -16.66 -9.98 19.63
N VAL A 37 -15.78 -9.06 20.00
CA VAL A 37 -15.23 -9.06 21.35
C VAL A 37 -15.76 -7.87 22.14
N ASN A 38 -16.95 -7.42 21.77
CA ASN A 38 -17.63 -6.31 22.43
C ASN A 38 -16.98 -4.94 22.40
N TYR A 39 -16.23 -4.64 21.35
CA TYR A 39 -15.62 -3.33 21.23
C TYR A 39 -16.25 -2.58 20.05
N PHE A 40 -16.14 -1.26 20.06
CA PHE A 40 -16.66 -0.45 18.97
C PHE A 40 -15.50 0.38 18.47
N VAL A 41 -15.53 0.71 17.18
CA VAL A 41 -14.50 1.55 16.59
C VAL A 41 -15.11 2.94 16.59
N LEU A 42 -14.36 3.92 17.09
CA LEU A 42 -14.84 5.27 17.13
C LEU A 42 -14.08 6.16 16.15
N PRO A 43 -14.69 6.49 15.01
CA PRO A 43 -14.04 7.35 14.02
C PRO A 43 -14.00 8.79 14.50
N PHE A 44 -12.91 9.48 14.21
CA PHE A 44 -12.77 10.87 14.57
C PHE A 44 -12.12 11.57 13.38
N PRO A 45 -12.38 12.87 13.20
CA PRO A 45 -11.80 13.62 12.07
C PRO A 45 -10.29 13.51 11.98
N PHE A 46 -9.80 13.26 10.78
CA PHE A 46 -8.38 13.11 10.53
C PHE A 46 -7.78 14.50 10.36
N SER A 47 -6.56 14.70 10.85
CA SER A 47 -5.90 15.98 10.71
C SER A 47 -4.86 15.80 9.61
N GLU A 48 -5.11 16.37 8.43
CA GLU A 48 -4.17 16.21 7.33
C GLU A 48 -2.76 16.61 7.75
N ASP A 49 -2.67 17.55 8.69
CA ASP A 49 -1.38 17.94 9.22
C ASP A 49 -1.17 17.00 10.39
N ARG A 50 -0.51 15.88 10.14
CA ARG A 50 -0.28 14.86 11.17
C ARG A 50 0.36 15.39 12.45
N SER A 51 1.02 16.54 12.36
CA SER A 51 1.67 17.11 13.54
C SER A 51 0.63 17.54 14.57
N GLN A 52 -0.53 18.00 14.10
CA GLN A 52 -1.59 18.43 15.00
C GLN A 52 -2.24 17.21 15.66
N ILE A 53 -1.79 16.92 16.87
CA ILE A 53 -2.27 15.77 17.64
C ILE A 53 -3.29 16.14 18.72
N ASP A 54 -3.82 17.35 18.65
CA ASP A 54 -4.81 17.80 19.63
C ASP A 54 -5.94 16.81 19.86
N ILE A 55 -6.55 16.37 18.76
CA ILE A 55 -7.65 15.42 18.83
C ILE A 55 -7.27 14.15 19.59
N TYR A 56 -6.03 13.70 19.44
CA TYR A 56 -5.59 12.50 20.16
C TYR A 56 -5.52 12.83 21.64
N ARG A 57 -4.99 14.00 21.94
CA ARG A 57 -4.84 14.49 23.31
C ARG A 57 -6.22 14.55 23.98
N ASP A 58 -7.20 15.06 23.25
CA ASP A 58 -8.56 15.18 23.76
C ASP A 58 -9.22 13.85 24.03
N LEU A 59 -9.14 12.93 23.06
CA LEU A 59 -9.76 11.62 23.21
C LEU A 59 -9.20 10.79 24.35
N ILE A 60 -7.92 10.98 24.65
CA ILE A 60 -7.30 10.22 25.73
C ILE A 60 -7.83 10.64 27.10
N ARG A 61 -7.80 11.93 27.41
CA ARG A 61 -8.28 12.33 28.72
C ARG A 61 -9.80 12.38 28.85
N SER A 62 -10.50 12.25 27.74
CA SER A 62 -11.96 12.24 27.80
C SER A 62 -12.38 10.82 28.19
N GLY A 63 -11.42 9.90 28.13
CA GLY A 63 -11.70 8.51 28.47
C GLY A 63 -12.64 7.83 27.49
N ASN A 64 -12.86 8.44 26.34
CA ASN A 64 -13.75 7.88 25.34
C ASN A 64 -13.21 6.66 24.57
N VAL A 65 -11.89 6.44 24.64
CA VAL A 65 -11.29 5.30 23.96
C VAL A 65 -10.18 4.69 24.80
N ASP A 66 -9.92 3.40 24.59
CA ASP A 66 -8.88 2.71 25.33
C ASP A 66 -7.63 2.57 24.48
N GLY A 67 -7.76 2.87 23.19
CA GLY A 67 -6.63 2.74 22.29
C GLY A 67 -6.93 3.27 20.91
N PHE A 68 -5.89 3.35 20.09
CA PHE A 68 -6.02 3.85 18.72
C PHE A 68 -5.40 2.92 17.70
N VAL A 69 -5.88 3.04 16.47
CA VAL A 69 -5.32 2.31 15.35
C VAL A 69 -4.96 3.47 14.43
N LEU A 70 -3.75 3.45 13.88
CA LEU A 70 -3.29 4.51 13.00
C LEU A 70 -3.01 3.96 11.61
N SER A 71 -3.32 4.76 10.59
CA SER A 71 -3.05 4.37 9.20
C SER A 71 -2.35 5.56 8.52
N SER A 72 -1.82 5.35 7.32
CA SER A 72 -1.09 6.41 6.60
C SER A 72 0.13 6.80 7.43
N ILE A 73 0.93 5.81 7.78
CA ILE A 73 2.11 6.06 8.60
C ILE A 73 3.30 6.54 7.79
N ASN A 74 3.79 7.73 8.14
CA ASN A 74 4.96 8.30 7.47
C ASN A 74 6.19 8.07 8.35
N TYR A 75 7.36 8.45 7.86
CA TYR A 75 8.57 8.30 8.65
C TYR A 75 8.46 9.29 9.80
N ASN A 76 8.99 8.92 10.97
CA ASN A 76 8.92 9.78 12.15
C ASN A 76 7.51 10.36 12.26
N ASP A 77 6.51 9.48 12.31
CA ASP A 77 5.14 9.93 12.39
C ASP A 77 4.89 10.59 13.75
N PRO A 78 4.49 11.88 13.74
CA PRO A 78 4.22 12.59 14.99
C PRO A 78 3.17 11.91 15.88
N ARG A 79 2.17 11.30 15.28
CA ARG A 79 1.13 10.61 16.05
C ARG A 79 1.73 9.43 16.81
N VAL A 80 2.65 8.71 16.19
CA VAL A 80 3.29 7.56 16.81
C VAL A 80 4.20 8.03 17.95
N GLN A 81 4.90 9.12 17.71
CA GLN A 81 5.82 9.70 18.68
C GLN A 81 5.02 10.09 19.93
N PHE A 82 3.94 10.82 19.70
CA PHE A 82 3.07 11.27 20.78
C PHE A 82 2.52 10.14 21.64
N LEU A 83 1.78 9.22 21.01
CA LEU A 83 1.19 8.11 21.74
C LEU A 83 2.23 7.28 22.47
N LEU A 84 3.45 7.23 21.93
CA LEU A 84 4.52 6.48 22.57
C LEU A 84 4.92 7.18 23.87
N LYS A 85 5.01 8.50 23.81
CA LYS A 85 5.37 9.29 24.98
C LYS A 85 4.30 9.14 26.06
N GLN A 86 3.04 9.21 25.64
CA GLN A 86 1.91 9.10 26.56
C GLN A 86 1.68 7.68 27.07
N LYS A 87 2.48 6.73 26.61
CA LYS A 87 2.30 5.35 27.02
C LYS A 87 0.85 4.88 26.81
N PHE A 88 0.17 5.43 25.80
CA PHE A 88 -1.21 5.05 25.51
C PHE A 88 -1.27 3.93 24.46
N PRO A 89 -2.16 2.94 24.66
CA PRO A 89 -2.31 1.81 23.73
C PRO A 89 -2.64 2.21 22.29
N PHE A 90 -1.92 1.60 21.34
CA PHE A 90 -2.15 1.87 19.93
C PHE A 90 -1.44 0.86 19.07
N VAL A 91 -1.98 0.64 17.89
CA VAL A 91 -1.39 -0.27 16.92
C VAL A 91 -1.34 0.53 15.63
N ALA A 92 -0.19 0.52 14.98
CA ALA A 92 -0.05 1.23 13.72
C ALA A 92 -0.18 0.25 12.56
N PHE A 93 -0.95 0.63 11.55
CA PHE A 93 -1.09 -0.21 10.35
C PHE A 93 -0.05 0.36 9.40
N GLY A 94 1.17 -0.15 9.52
CA GLY A 94 2.27 0.33 8.68
C GLY A 94 3.45 0.74 9.54
N ARG A 95 4.65 0.34 9.15
CA ARG A 95 5.86 0.67 9.88
C ARG A 95 6.29 2.13 9.72
N SER A 96 7.29 2.54 10.50
CA SER A 96 7.80 3.90 10.47
C SER A 96 9.17 3.94 11.13
N ASN A 97 10.20 4.32 10.38
CA ASN A 97 11.55 4.37 10.93
C ASN A 97 12.01 2.99 11.39
N PRO A 98 13.00 2.42 10.69
CA PRO A 98 13.58 1.10 10.98
C PRO A 98 13.57 0.65 12.44
N ASP A 99 14.59 1.03 13.21
CA ASP A 99 14.64 0.61 14.60
C ASP A 99 13.81 1.42 15.59
N TRP A 100 12.65 1.91 15.13
CA TRP A 100 11.75 2.64 16.02
C TRP A 100 10.83 1.53 16.51
N ASP A 101 10.65 1.43 17.83
CA ASP A 101 9.83 0.36 18.40
C ASP A 101 8.40 0.70 18.85
N PHE A 102 7.46 -0.17 18.47
CA PHE A 102 6.05 -0.04 18.83
C PHE A 102 5.26 -1.17 18.19
N ALA A 103 3.99 -1.31 18.56
CA ALA A 103 3.15 -2.37 18.00
C ALA A 103 2.64 -2.01 16.62
N TRP A 104 2.73 -2.95 15.68
CA TRP A 104 2.25 -2.71 14.33
C TRP A 104 1.89 -3.92 13.50
N VAL A 105 1.05 -3.67 12.51
CA VAL A 105 0.63 -4.66 11.54
C VAL A 105 0.91 -3.98 10.21
N ASP A 106 1.52 -4.73 9.28
CA ASP A 106 1.83 -4.16 7.98
C ASP A 106 1.87 -5.22 6.89
N ILE A 107 1.77 -4.76 5.65
CA ILE A 107 1.81 -5.64 4.50
C ILE A 107 3.25 -5.58 3.97
N ASP A 108 3.80 -6.74 3.60
CA ASP A 108 5.16 -6.78 3.07
C ASP A 108 5.17 -6.25 1.63
N GLY A 109 5.21 -4.94 1.48
CA GLY A 109 5.24 -4.33 0.16
C GLY A 109 6.38 -4.85 -0.70
N THR A 110 7.57 -4.88 -0.12
CA THR A 110 8.75 -5.36 -0.82
C THR A 110 8.52 -6.72 -1.47
N ALA A 111 7.99 -7.68 -0.70
CA ALA A 111 7.73 -9.01 -1.21
C ALA A 111 6.73 -8.99 -2.37
N GLY A 112 5.82 -8.02 -2.32
CA GLY A 112 4.81 -7.89 -3.36
C GLY A 112 5.39 -7.57 -4.71
N THR A 113 6.19 -6.51 -4.78
CA THR A 113 6.81 -6.10 -6.03
C THR A 113 7.88 -7.10 -6.47
N ARG A 114 8.62 -7.67 -5.53
CA ARG A 114 9.65 -8.64 -5.90
C ARG A 114 8.99 -9.79 -6.67
N GLN A 115 7.89 -10.28 -6.13
CA GLN A 115 7.16 -11.38 -6.73
C GLN A 115 6.65 -10.98 -8.13
N ALA A 116 6.12 -9.76 -8.24
CA ALA A 116 5.62 -9.29 -9.51
C ALA A 116 6.76 -9.27 -10.53
N VAL A 117 7.89 -8.68 -10.14
CA VAL A 117 9.03 -8.61 -11.04
C VAL A 117 9.57 -9.99 -11.41
N GLU A 118 9.64 -10.90 -10.43
CA GLU A 118 10.12 -12.25 -10.71
C GLU A 118 9.23 -12.91 -11.76
N TYR A 119 7.94 -12.64 -11.66
CA TYR A 119 6.99 -13.19 -12.62
C TYR A 119 7.29 -12.67 -14.02
N LEU A 120 7.51 -11.37 -14.15
CA LEU A 120 7.82 -10.79 -15.44
C LEU A 120 9.13 -11.39 -15.98
N ILE A 121 10.14 -11.50 -15.14
CA ILE A 121 11.41 -12.09 -15.56
C ILE A 121 11.19 -13.53 -16.03
N GLY A 122 10.26 -14.22 -15.37
CA GLY A 122 9.95 -15.60 -15.71
C GLY A 122 9.29 -15.74 -17.07
N ARG A 123 8.76 -14.63 -17.58
CA ARG A 123 8.15 -14.67 -18.90
C ARG A 123 9.21 -14.33 -19.93
N GLY A 124 10.37 -13.88 -19.46
CA GLY A 124 11.45 -13.52 -20.37
C GLY A 124 11.71 -12.03 -20.49
N HIS A 125 10.96 -11.21 -19.76
CA HIS A 125 11.16 -9.76 -19.80
C HIS A 125 12.53 -9.37 -19.28
N ARG A 126 13.22 -8.47 -19.99
CA ARG A 126 14.52 -8.01 -19.52
C ARG A 126 14.56 -6.51 -19.40
N ARG A 127 13.68 -5.79 -20.09
CA ARG A 127 13.65 -4.34 -19.98
C ARG A 127 12.38 -4.03 -19.22
N ILE A 128 12.50 -3.96 -17.90
CA ILE A 128 11.36 -3.71 -17.03
C ILE A 128 11.51 -2.39 -16.32
N ALA A 129 10.52 -1.53 -16.47
CA ALA A 129 10.56 -0.23 -15.85
C ALA A 129 9.56 -0.18 -14.69
N ILE A 130 9.66 0.86 -13.88
CA ILE A 130 8.74 1.02 -12.75
C ILE A 130 8.33 2.48 -12.53
N LEU A 131 7.05 2.66 -12.26
CA LEU A 131 6.49 3.97 -11.97
C LEU A 131 6.42 4.01 -10.45
N ALA A 132 7.40 4.68 -9.85
CA ALA A 132 7.50 4.75 -8.40
C ALA A 132 7.09 6.10 -7.79
N TRP A 133 7.20 6.18 -6.47
CA TRP A 133 6.84 7.38 -5.73
C TRP A 133 8.07 8.13 -5.22
N PRO A 134 7.86 9.34 -4.66
CA PRO A 134 8.97 10.15 -4.13
C PRO A 134 9.75 9.41 -3.05
N GLU A 135 10.98 9.88 -2.80
CA GLU A 135 11.87 9.25 -1.81
C GLU A 135 11.41 9.36 -0.36
N ASP A 136 10.57 10.33 -0.07
CA ASP A 136 10.09 10.50 1.29
C ASP A 136 8.91 9.60 1.62
N SER A 137 8.57 8.69 0.72
CA SER A 137 7.47 7.77 0.94
C SER A 137 7.97 6.43 1.48
N ARG A 138 7.60 6.12 2.72
CA ARG A 138 8.01 4.87 3.36
C ARG A 138 7.47 3.67 2.57
N VAL A 139 6.18 3.69 2.27
CA VAL A 139 5.58 2.60 1.51
C VAL A 139 6.21 2.52 0.11
N GLY A 140 6.44 3.68 -0.50
CA GLY A 140 7.04 3.73 -1.81
C GLY A 140 8.39 3.06 -1.85
N ASN A 141 9.23 3.35 -0.85
CA ASN A 141 10.55 2.75 -0.78
C ASN A 141 10.47 1.25 -0.57
N ASP A 142 9.50 0.79 0.21
CA ASP A 142 9.37 -0.64 0.44
C ASP A 142 9.06 -1.34 -0.87
N ARG A 143 8.07 -0.82 -1.57
CA ARG A 143 7.67 -1.40 -2.84
C ARG A 143 8.75 -1.30 -3.91
N LEU A 144 9.46 -0.18 -3.94
CA LEU A 144 10.53 -0.01 -4.91
C LEU A 144 11.66 -0.99 -4.61
N GLN A 145 11.90 -1.24 -3.33
CA GLN A 145 12.96 -2.15 -2.90
C GLN A 145 12.80 -3.54 -3.48
N GLY A 146 11.57 -4.04 -3.52
CA GLY A 146 11.31 -5.36 -4.07
C GLY A 146 11.72 -5.46 -5.52
N TYR A 147 11.51 -4.37 -6.26
CA TYR A 147 11.87 -4.28 -7.67
C TYR A 147 13.40 -4.39 -7.80
N LEU A 148 14.11 -3.56 -7.05
CA LEU A 148 15.56 -3.55 -7.08
C LEU A 148 16.13 -4.92 -6.77
N GLU A 149 15.57 -5.57 -5.75
CA GLU A 149 16.03 -6.89 -5.36
C GLU A 149 15.84 -7.93 -6.45
N ALA A 150 14.66 -7.95 -7.07
CA ALA A 150 14.40 -8.92 -8.11
C ALA A 150 15.30 -8.67 -9.32
N MSE A 151 15.45 -7.42 -9.71
CA MSE A 151 16.29 -7.09 -10.86
C MSE A 151 17.75 -7.47 -10.56
O MSE A 151 18.42 -8.07 -11.39
CB MSE A 151 16.17 -5.59 -11.21
CG MSE A 151 14.79 -5.11 -11.61
SE MSE A 151 14.12 -6.09 -13.25
CE MSE A 151 14.98 -4.87 -14.54
N GLN A 152 18.22 -7.12 -9.37
CA GLN A 152 19.58 -7.43 -8.94
C GLN A 152 19.81 -8.94 -8.94
N THR A 153 18.88 -9.68 -8.37
CA THR A 153 18.99 -11.14 -8.31
C THR A 153 19.06 -11.76 -9.70
N ALA A 154 18.29 -11.25 -10.65
CA ALA A 154 18.30 -11.81 -12.01
C ALA A 154 19.46 -11.22 -12.80
N GLN A 155 20.17 -10.30 -12.16
CA GLN A 155 21.30 -9.62 -12.77
C GLN A 155 20.91 -8.88 -14.03
N LEU A 156 19.84 -8.11 -13.95
CA LEU A 156 19.39 -7.32 -15.08
C LEU A 156 19.75 -5.87 -14.79
N PRO A 157 19.95 -5.06 -15.83
CA PRO A 157 20.30 -3.65 -15.66
C PRO A 157 19.25 -2.92 -14.85
N ILE A 158 19.68 -2.07 -13.94
CA ILE A 158 18.77 -1.26 -13.15
C ILE A 158 19.07 0.16 -13.65
N GLU A 159 18.33 0.54 -14.69
CA GLU A 159 18.46 1.84 -15.35
C GLU A 159 17.75 2.98 -14.65
N THR A 160 18.47 4.07 -14.43
CA THR A 160 17.89 5.24 -13.79
C THR A 160 16.79 5.79 -14.69
N GLY A 161 16.93 5.57 -16.00
CA GLY A 161 15.94 6.03 -16.94
C GLY A 161 14.66 5.24 -16.85
N TYR A 162 14.73 4.07 -16.21
CA TYR A 162 13.57 3.19 -16.05
C TYR A 162 12.90 3.32 -14.68
N ILE A 163 13.40 4.21 -13.84
CA ILE A 163 12.81 4.41 -12.52
C ILE A 163 12.31 5.82 -12.46
N LEU A 164 11.00 5.99 -12.66
CA LEU A 164 10.41 7.32 -12.65
C LEU A 164 9.59 7.52 -11.38
N ARG A 165 9.91 8.57 -10.63
CA ARG A 165 9.23 8.88 -9.38
C ARG A 165 8.26 10.03 -9.52
N GLY A 166 7.08 9.88 -8.90
CA GLY A 166 6.07 10.91 -8.96
C GLY A 166 4.82 10.52 -8.19
N GLU A 167 3.81 11.38 -8.25
CA GLU A 167 2.54 11.13 -7.56
C GLU A 167 1.80 9.96 -8.18
N GLY A 168 1.17 9.17 -7.31
CA GLY A 168 0.43 8.01 -7.77
C GLY A 168 -0.90 8.34 -8.43
N THR A 169 -0.87 9.13 -9.50
CA THR A 169 -2.10 9.49 -10.19
C THR A 169 -2.14 8.93 -11.61
N PHE A 170 -3.33 8.99 -12.21
CA PHE A 170 -3.53 8.53 -13.58
C PHE A 170 -2.68 9.39 -14.51
N GLU A 171 -2.79 10.70 -14.34
CA GLU A 171 -2.06 11.68 -15.14
C GLU A 171 -0.55 11.45 -15.09
N VAL A 172 -0.02 11.20 -13.90
CA VAL A 172 1.42 10.96 -13.80
C VAL A 172 1.79 9.62 -14.42
N GLY A 173 0.98 8.60 -14.17
CA GLY A 173 1.25 7.29 -14.74
C GLY A 173 1.28 7.33 -16.25
N ARG A 174 0.35 8.07 -16.83
CA ARG A 174 0.27 8.21 -18.27
C ARG A 174 1.46 8.99 -18.82
N ALA A 175 1.74 10.14 -18.23
CA ALA A 175 2.85 10.98 -18.67
C ALA A 175 4.18 10.23 -18.63
N MSE A 176 4.47 9.59 -17.50
CA MSE A 176 5.72 8.83 -17.36
C MSE A 176 5.79 7.70 -18.38
O MSE A 176 6.85 7.42 -18.92
CB MSE A 176 5.87 8.27 -15.95
CG MSE A 176 5.83 9.36 -14.91
SE MSE A 176 6.40 8.76 -13.08
CE MSE A 176 5.25 7.22 -13.03
N THR A 177 4.66 7.06 -18.67
CA THR A 177 4.67 5.96 -19.63
C THR A 177 4.87 6.46 -21.05
N LEU A 178 4.25 7.60 -21.38
CA LEU A 178 4.41 8.16 -22.71
C LEU A 178 5.90 8.52 -22.89
N HIS A 179 6.53 8.99 -21.82
CA HIS A 179 7.95 9.33 -21.88
C HIS A 179 8.73 8.07 -22.24
N LEU A 180 8.38 6.95 -21.63
CA LEU A 180 9.05 5.67 -21.89
C LEU A 180 8.74 5.13 -23.27
N LEU A 181 7.51 5.32 -23.73
CA LEU A 181 7.12 4.85 -25.05
C LEU A 181 7.73 5.73 -26.16
N ASP A 182 8.28 6.88 -25.77
CA ASP A 182 8.95 7.76 -26.73
C ASP A 182 10.26 7.11 -27.15
N LEU A 183 10.71 6.12 -26.38
CA LEU A 183 11.95 5.42 -26.70
C LEU A 183 11.69 4.51 -27.89
N SER A 184 12.72 4.25 -28.68
CA SER A 184 12.60 3.37 -29.85
C SER A 184 12.30 1.94 -29.39
N PRO A 185 11.91 1.06 -30.31
CA PRO A 185 11.60 -0.33 -29.95
C PRO A 185 12.79 -1.01 -29.26
N GLU A 186 14.00 -0.64 -29.66
CA GLU A 186 15.22 -1.19 -29.09
C GLU A 186 15.41 -0.83 -27.62
N ARG A 187 15.14 0.43 -27.26
CA ARG A 187 15.34 0.91 -25.90
C ARG A 187 14.11 0.93 -25.01
N ARG A 188 12.95 0.75 -25.62
CA ARG A 188 11.70 0.79 -24.89
C ARG A 188 11.50 -0.41 -23.96
N PRO A 189 10.97 -0.19 -22.75
CA PRO A 189 10.77 -1.33 -21.84
C PRO A 189 9.63 -2.20 -22.36
N THR A 190 9.69 -3.49 -22.07
CA THR A 190 8.65 -4.41 -22.51
C THR A 190 7.66 -4.67 -21.37
N ALA A 191 8.01 -4.23 -20.17
CA ALA A 191 7.12 -4.42 -19.04
C ALA A 191 7.25 -3.24 -18.05
N ILE A 192 6.12 -2.89 -17.46
CA ILE A 192 6.07 -1.80 -16.50
C ILE A 192 5.36 -2.18 -15.22
N MSE A 193 6.03 -1.95 -14.10
CA MSE A 193 5.48 -2.22 -12.76
C MSE A 193 5.06 -0.85 -12.21
O MSE A 193 5.81 0.12 -12.32
CB MSE A 193 6.58 -2.86 -11.90
CG MSE A 193 6.28 -2.99 -10.43
SE MSE A 193 5.30 -4.62 -10.02
CE MSE A 193 3.76 -3.83 -9.09
N THR A 194 3.87 -0.73 -11.63
CA THR A 194 3.44 0.55 -11.06
C THR A 194 3.17 0.42 -9.56
N LEU A 195 3.28 1.51 -8.81
CA LEU A 195 3.06 1.42 -7.37
C LEU A 195 1.61 1.44 -6.90
N ASN A 196 0.67 1.66 -7.82
CA ASN A 196 -0.75 1.59 -7.51
C ASN A 196 -1.49 1.41 -8.82
N ASP A 197 -2.72 0.94 -8.77
CA ASP A 197 -3.48 0.69 -9.99
C ASP A 197 -3.84 1.94 -10.76
N THR A 198 -4.01 3.05 -10.06
CA THR A 198 -4.33 4.30 -10.75
C THR A 198 -3.24 4.62 -11.77
N MSE A 199 -1.98 4.45 -11.35
CA MSE A 199 -0.84 4.68 -12.23
C MSE A 199 -0.87 3.71 -13.40
O MSE A 199 -0.67 4.10 -14.55
CB MSE A 199 0.47 4.53 -11.45
CG MSE A 199 0.66 5.59 -10.39
SE MSE A 199 2.38 5.23 -9.56
CE MSE A 199 3.39 6.72 -10.26
N ALA A 200 -1.14 2.44 -13.10
CA ALA A 200 -1.20 1.41 -14.13
C ALA A 200 -2.24 1.74 -15.20
N ILE A 201 -3.35 2.33 -14.79
CA ILE A 201 -4.40 2.68 -15.72
C ILE A 201 -3.90 3.76 -16.68
N GLY A 202 -3.14 4.71 -16.15
CA GLY A 202 -2.58 5.76 -16.98
C GLY A 202 -1.62 5.14 -17.99
N ALA A 203 -0.86 4.15 -17.54
CA ALA A 203 0.09 3.46 -18.40
C ALA A 203 -0.68 2.73 -19.50
N MSE A 204 -1.79 2.12 -19.13
CA MSE A 204 -2.63 1.43 -20.10
C MSE A 204 -3.16 2.44 -21.14
O MSE A 204 -3.22 2.15 -22.34
CB MSE A 204 -3.80 0.72 -19.40
CG MSE A 204 -3.37 -0.49 -18.62
SE MSE A 204 -4.90 -1.29 -17.64
CE MSE A 204 -5.83 -1.92 -19.24
N ALA A 205 -3.51 3.63 -20.67
CA ALA A 205 -4.02 4.68 -21.56
C ALA A 205 -2.92 5.12 -22.52
N ALA A 206 -1.70 5.22 -22.01
CA ALA A 206 -0.57 5.65 -22.82
C ALA A 206 -0.29 4.60 -23.89
N ALA A 207 -0.28 3.33 -23.49
CA ALA A 207 -0.03 2.22 -24.41
C ALA A 207 -1.05 2.25 -25.54
N ARG A 208 -2.32 2.41 -25.16
CA ARG A 208 -3.41 2.47 -26.12
C ARG A 208 -3.19 3.64 -27.09
N GLU A 209 -2.84 4.79 -26.55
CA GLU A 209 -2.59 5.96 -27.38
C GLU A 209 -1.45 5.73 -28.38
N ARG A 210 -0.46 4.93 -27.99
CA ARG A 210 0.67 4.67 -28.89
C ARG A 210 0.54 3.41 -29.73
N GLY A 211 -0.65 2.83 -29.74
CA GLY A 211 -0.89 1.63 -30.54
C GLY A 211 -0.24 0.33 -30.12
N LEU A 212 0.10 0.18 -28.85
CA LEU A 212 0.71 -1.07 -28.40
C LEU A 212 -0.34 -1.96 -27.74
N THR A 213 -0.26 -3.26 -27.97
CA THR A 213 -1.20 -4.18 -27.36
C THR A 213 -0.75 -4.46 -25.93
N ILE A 214 -1.60 -4.14 -24.96
CA ILE A 214 -1.26 -4.36 -23.56
C ILE A 214 -1.18 -5.86 -23.29
N GLY A 215 -0.11 -6.27 -22.62
CA GLY A 215 0.11 -7.67 -22.35
C GLY A 215 1.18 -8.14 -23.31
N THR A 216 0.81 -8.28 -24.58
CA THR A 216 1.70 -8.72 -25.64
C THR A 216 2.88 -7.79 -25.96
N ASP A 217 2.62 -6.55 -26.29
CA ASP A 217 3.68 -5.60 -26.60
C ASP A 217 4.24 -4.94 -25.36
N LEU A 218 3.38 -4.68 -24.38
CA LEU A 218 3.78 -4.03 -23.15
C LEU A 218 3.04 -4.65 -21.99
N ALA A 219 3.77 -5.35 -21.12
CA ALA A 219 3.14 -5.98 -19.95
C ALA A 219 3.06 -4.93 -18.83
N ILE A 220 1.97 -4.98 -18.07
CA ILE A 220 1.77 -4.05 -16.96
C ILE A 220 1.23 -4.74 -15.72
N ILE A 221 1.85 -4.46 -14.58
CA ILE A 221 1.38 -5.03 -13.32
C ILE A 221 1.23 -3.87 -12.36
N GLY A 222 0.05 -3.75 -11.75
CA GLY A 222 -0.19 -2.67 -10.81
C GLY A 222 -0.07 -3.12 -9.37
N PHE A 223 -0.58 -2.28 -8.47
CA PHE A 223 -0.54 -2.56 -7.04
C PHE A 223 -1.79 -2.03 -6.36
N ASP A 224 -2.36 -2.92 -5.53
CA ASP A 224 -3.58 -2.80 -4.70
C ASP A 224 -4.85 -3.40 -5.27
N ASP A 225 -4.75 -4.04 -6.43
CA ASP A 225 -5.88 -4.71 -7.04
C ASP A 225 -7.22 -4.06 -6.72
N ALA A 226 -7.33 -2.77 -7.03
CA ALA A 226 -8.53 -2.01 -6.78
C ALA A 226 -9.72 -2.66 -7.48
N PRO A 227 -10.92 -2.50 -6.91
CA PRO A 227 -12.10 -3.10 -7.52
C PRO A 227 -12.26 -2.59 -8.94
N MSE A 228 -12.64 -3.48 -9.85
CA MSE A 228 -12.85 -3.17 -11.25
C MSE A 228 -11.65 -3.26 -12.18
O MSE A 228 -11.83 -3.33 -13.40
CB MSE A 228 -13.46 -1.78 -11.41
CG MSE A 228 -12.46 -0.75 -11.87
SE MSE A 228 -13.27 0.53 -13.22
CE MSE A 228 -12.97 -0.61 -14.77
N VAL A 229 -10.43 -3.23 -11.64
CA VAL A 229 -9.29 -3.34 -12.55
C VAL A 229 -9.43 -4.66 -13.29
N GLN A 230 -10.13 -5.60 -12.69
CA GLN A 230 -10.38 -6.92 -13.25
C GLN A 230 -11.30 -6.84 -14.48
N TYR A 231 -12.04 -5.75 -14.60
CA TYR A 231 -12.96 -5.58 -15.72
C TYR A 231 -12.38 -4.82 -16.92
N LEU A 232 -11.15 -4.35 -16.79
CA LEU A 232 -10.51 -3.61 -17.88
C LEU A 232 -10.13 -4.56 -19.00
N PHE A 233 -9.78 -4.02 -20.17
CA PHE A 233 -9.33 -4.87 -21.26
C PHE A 233 -7.97 -4.41 -21.74
N PRO A 234 -6.94 -5.25 -21.55
CA PRO A 234 -7.02 -6.56 -20.91
C PRO A 234 -7.24 -6.37 -19.41
N PRO A 235 -7.73 -7.40 -18.72
CA PRO A 235 -7.91 -7.22 -17.27
C PRO A 235 -6.51 -7.00 -16.69
N LEU A 236 -6.40 -6.13 -15.70
CA LEU A 236 -5.11 -5.80 -15.11
C LEU A 236 -4.59 -6.72 -14.02
N SER A 237 -3.36 -7.19 -14.19
CA SER A 237 -2.73 -8.02 -13.18
C SER A 237 -2.25 -7.03 -12.12
N SER A 238 -2.36 -7.42 -10.85
CA SER A 238 -2.01 -6.52 -9.77
C SER A 238 -1.66 -7.25 -8.49
N VAL A 239 -1.01 -6.55 -7.57
CA VAL A 239 -0.65 -7.11 -6.28
C VAL A 239 -1.77 -6.83 -5.28
N ARG A 240 -2.37 -7.88 -4.73
CA ARG A 240 -3.45 -7.73 -3.77
C ARG A 240 -2.91 -7.82 -2.35
N GLN A 241 -3.39 -6.92 -1.50
CA GLN A 241 -2.98 -6.89 -0.10
C GLN A 241 -4.16 -7.39 0.75
N PRO A 242 -3.88 -8.15 1.81
CA PRO A 242 -4.95 -8.67 2.67
C PRO A 242 -5.39 -7.61 3.69
N ILE A 243 -6.13 -6.62 3.19
CA ILE A 243 -6.60 -5.51 4.00
C ILE A 243 -7.57 -5.93 5.10
N ALA A 244 -8.48 -6.86 4.79
CA ALA A 244 -9.43 -7.30 5.79
C ALA A 244 -8.69 -7.99 6.94
N GLU A 245 -7.77 -8.89 6.60
CA GLU A 245 -7.00 -9.61 7.61
C GLU A 245 -6.18 -8.63 8.45
N ALA A 246 -5.61 -7.62 7.80
CA ALA A 246 -4.83 -6.63 8.51
C ALA A 246 -5.72 -5.88 9.50
N GLY A 247 -6.96 -5.65 9.11
CA GLY A 247 -7.89 -4.95 9.98
C GLY A 247 -8.15 -5.79 11.20
N ARG A 248 -8.44 -7.07 10.98
CA ARG A 248 -8.71 -8.01 12.05
C ARG A 248 -7.53 -8.11 13.00
N LYS A 249 -6.32 -8.16 12.43
CA LYS A 249 -5.11 -8.27 13.24
C LYS A 249 -4.84 -7.02 14.07
N CYS A 250 -5.20 -5.86 13.56
CA CYS A 250 -4.99 -4.64 14.30
C CYS A 250 -5.85 -4.65 15.56
N ILE A 251 -7.14 -4.85 15.38
CA ILE A 251 -8.08 -4.88 16.49
C ILE A 251 -7.65 -5.94 17.51
N GLU A 252 -7.36 -7.13 16.99
CA GLU A 252 -6.95 -8.26 17.80
C GLU A 252 -5.71 -7.99 18.64
N LEU A 253 -4.75 -7.26 18.08
CA LEU A 253 -3.52 -6.95 18.79
C LEU A 253 -3.71 -5.82 19.78
N LEU A 254 -4.51 -4.82 19.41
CA LEU A 254 -4.74 -3.69 20.28
C LEU A 254 -5.61 -4.08 21.47
N VAL A 255 -6.60 -4.94 21.24
CA VAL A 255 -7.47 -5.38 22.32
C VAL A 255 -6.64 -6.14 23.36
N ALA A 256 -5.67 -6.91 22.91
CA ALA A 256 -4.82 -7.66 23.82
C ALA A 256 -3.95 -6.70 24.64
N ILE A 257 -3.45 -5.65 23.99
CA ILE A 257 -2.61 -4.67 24.67
C ILE A 257 -3.42 -3.88 25.67
N VAL A 258 -4.61 -3.48 25.25
CA VAL A 258 -5.51 -2.71 26.11
C VAL A 258 -5.91 -3.50 27.35
N GLU A 259 -6.06 -4.81 27.21
CA GLU A 259 -6.47 -5.66 28.32
C GLU A 259 -5.32 -6.24 29.14
N GLY A 260 -4.15 -5.62 29.05
CA GLY A 260 -3.00 -6.06 29.81
C GLY A 260 -2.29 -7.37 29.48
N ARG A 261 -2.73 -8.08 28.44
CA ARG A 261 -2.10 -9.34 28.06
C ARG A 261 -1.35 -9.27 26.74
N GLU A 262 -0.53 -8.24 26.57
CA GLU A 262 0.24 -8.04 25.35
C GLU A 262 1.10 -9.26 24.97
N PRO A 263 0.95 -9.76 23.73
CA PRO A 263 1.73 -10.91 23.27
C PRO A 263 3.18 -10.49 23.03
N GLU A 264 4.07 -11.47 22.84
CA GLU A 264 5.46 -11.13 22.61
C GLU A 264 5.63 -10.78 21.14
N GLN A 265 4.64 -11.16 20.34
CA GLN A 265 4.67 -10.85 18.92
C GLN A 265 3.80 -9.62 18.68
N LYS A 266 4.43 -8.45 18.78
CA LYS A 266 3.75 -7.18 18.60
C LYS A 266 3.99 -6.58 17.21
N HIS A 267 4.70 -7.32 16.37
CA HIS A 267 4.99 -6.91 15.00
C HIS A 267 4.41 -7.96 14.08
N ILE A 268 3.31 -7.63 13.40
CA ILE A 268 2.69 -8.59 12.50
C ILE A 268 2.85 -8.15 11.06
N LEU A 269 3.58 -8.97 10.30
CA LEU A 269 3.84 -8.70 8.88
C LEU A 269 3.10 -9.69 8.02
N LEU A 270 2.15 -9.18 7.23
CA LEU A 270 1.35 -10.02 6.34
C LEU A 270 1.89 -9.99 4.92
N GLN A 271 1.75 -11.09 4.20
CA GLN A 271 2.22 -11.20 2.84
C GLN A 271 1.13 -10.90 1.80
N PRO A 272 1.47 -10.16 0.74
CA PRO A 272 0.48 -9.86 -0.29
C PRO A 272 0.46 -11.01 -1.31
N SER A 273 -0.47 -10.96 -2.25
CA SER A 273 -0.56 -12.00 -3.27
C SER A 273 -0.55 -11.38 -4.65
N LEU A 274 0.16 -12.01 -5.58
CA LEU A 274 0.22 -11.51 -6.94
C LEU A 274 -0.98 -12.08 -7.67
N ILE A 275 -1.75 -11.23 -8.34
CA ILE A 275 -2.92 -11.68 -9.08
C ILE A 275 -2.67 -11.53 -10.57
N ILE A 276 -2.44 -12.65 -11.24
CA ILE A 276 -2.19 -12.65 -12.68
C ILE A 276 -3.50 -12.90 -13.43
N ARG A 277 -3.85 -11.96 -14.29
CA ARG A 277 -5.07 -12.08 -15.06
C ARG A 277 -4.82 -12.21 -16.55
N ALA A 278 -5.61 -13.07 -17.20
CA ALA A 278 -5.52 -13.31 -18.64
C ALA A 278 -6.91 -13.04 -19.23
N SER A 279 -7.08 -13.26 -20.53
CA SER A 279 -8.36 -13.03 -21.22
C SER A 279 -9.63 -13.07 -20.35
N GLU A 280 -9.67 -13.98 -19.37
CA GLU A 280 -10.79 -14.14 -18.42
C GLU A 280 -10.28 -14.99 -17.25
N GLY A 281 -10.74 -14.68 -16.04
CA GLY A 281 -10.30 -15.45 -14.88
C GLY A 281 -8.82 -15.29 -14.52
N HIS A 282 -8.56 -15.09 -13.23
CA HIS A 282 -7.19 -14.92 -12.75
C HIS A 282 -6.61 -16.13 -12.00
N HIS A 283 -5.31 -16.35 -12.16
CA HIS A 283 -4.64 -17.45 -11.46
C HIS A 283 -3.67 -16.94 -10.40
C1 EDO B . -12.67 11.89 8.64
O1 EDO B . -11.52 12.73 8.57
C2 EDO B . -12.24 10.45 8.95
O2 EDO B . -10.94 10.41 9.56
C1 EDO C . -1.08 -6.77 -18.96
O1 EDO C . 0.29 -7.13 -18.74
C2 EDO C . -1.97 -7.36 -17.86
O2 EDO C . -2.06 -6.45 -16.76
C1 EDO D . 3.60 -11.19 -22.27
O1 EDO D . 4.60 -10.41 -22.92
C2 EDO D . 4.17 -11.85 -21.00
O2 EDO D . 4.19 -10.91 -19.94
C1 EDO E . -7.16 3.12 -20.78
O1 EDO E . -8.04 4.15 -20.30
C2 EDO E . -7.21 1.92 -19.85
O2 EDO E . -8.54 1.38 -19.81
#